data_4NLG
#
_entry.id   4NLG
#
_cell.length_a   120.193
_cell.length_b   103.067
_cell.length_c   53.049
_cell.angle_alpha   90.00
_cell.angle_beta   105.39
_cell.angle_gamma   90.00
#
_symmetry.space_group_name_H-M   'C 1 2 1'
#
loop_
_entity.id
_entity.type
_entity.pdbx_description
1 polymer 'DNA polymerase IV'
2 polymer "5'-D(*GP*GP*CP*AP*CP*TP*GP*AP*TP*CP*GP*GP*G)-3'"
3 polymer "5'-D(*TP*TP*AP*CP*GP*CP*CP*CP*TP*GP*AP*TP*CP*AP*GP*TP*GP*CP*C)-3'"
4 non-polymer 'CALCIUM ION'
5 non-polymer "2'-DEOXYCYTIDINE-5'-TRIPHOSPHATE"
6 water water
#
loop_
_entity_poly.entity_id
_entity_poly.type
_entity_poly.pdbx_seq_one_letter_code
_entity_poly.pdbx_strand_id
1 'polypeptide(L)'
;MIVIFVDFDYFFAQVEEVLNPQYKGKPLVVCVYSGRTKTSGAVATANYEARKLGVKAGMPIIKAMQIAPSAIYVPMRKPI
YEAFSNRIMNLLNKHADKIEVASIDEAYLDVTNKVEGNFENGIELARKIKQEILEKEKITVTVGVAPNKILAKIIADKSK
PNGLGVIRPTEVQDFLNELDIDEIPGIGSVLARRLNELGIQKLRDILSKNYNELEKITGKAKALYLLKLAQNKYSEPVEN
KSRKSHGRYLTLPYNTRDVKVILPYLKKAINEAYNKVNGIPMRITVIAIMEDLDILSKGKKFKHGISIDNAYKVAEDLLR
ELLVRDKRRNVRRIGVKLDNIIINKTNLSDFFDIGGHHHHHH
;
A
2 'polydeoxyribonucleotide' (DG)(DG)(DC)(DA)(DC)(DT)(DG)(DA)(DT)(DC)(DG)(DG)(DG) P
3 'polydeoxyribonucleotide' (DT)(DT)(DA)(DC)(DG)(DC)(DC)(DC)(DT)(DG)(DA)(DT)(DC)(DA)(DG)(DT)(DG)(DC)(DC) T
#
loop_
_chem_comp.id
_chem_comp.type
_chem_comp.name
_chem_comp.formula
CA non-polymer 'CALCIUM ION' 'Ca 2'
DA DNA linking 2'-DEOXYADENOSINE-5'-MONOPHOSPHATE 'C10 H14 N5 O6 P'
DC DNA linking 2'-DEOXYCYTIDINE-5'-MONOPHOSPHATE 'C9 H14 N3 O7 P'
DCP non-polymer 2'-DEOXYCYTIDINE-5'-TRIPHOSPHATE 'C9 H16 N3 O13 P3'
DG DNA linking 2'-DEOXYGUANOSINE-5'-MONOPHOSPHATE 'C10 H14 N5 O7 P'
DT DNA linking THYMIDINE-5'-MONOPHOSPHATE 'C10 H15 N2 O8 P'
#
# COMPACT_ATOMS: atom_id res chain seq x y z
N MET A 1 -5.26 11.61 -22.58
CA MET A 1 -5.87 11.22 -21.32
C MET A 1 -5.50 12.22 -20.21
N ILE A 2 -6.31 12.29 -19.15
CA ILE A 2 -6.04 13.18 -18.02
C ILE A 2 -6.33 12.46 -16.69
N VAL A 3 -5.36 12.47 -15.81
CA VAL A 3 -5.51 11.73 -14.57
C VAL A 3 -5.29 12.65 -13.38
N ILE A 4 -6.14 12.49 -12.38
CA ILE A 4 -5.97 13.13 -11.09
C ILE A 4 -5.73 12.08 -10.03
N PHE A 5 -4.51 12.04 -9.54
CA PHE A 5 -4.14 11.10 -8.49
C PHE A 5 -4.26 11.81 -7.14
N VAL A 6 -4.66 11.08 -6.11
CA VAL A 6 -4.94 11.68 -4.84
C VAL A 6 -4.41 10.79 -3.74
N ASP A 7 -3.58 11.39 -2.90
CA ASP A 7 -2.90 10.64 -1.86
C ASP A 7 -3.10 11.46 -0.58
N PHE A 8 -3.73 10.88 0.45
CA PHE A 8 -4.03 11.63 1.67
C PHE A 8 -2.72 11.86 2.46
N ASP A 9 -2.56 13.02 3.10
CA ASP A 9 -1.28 13.33 3.80
C ASP A 9 -1.19 12.61 5.15
N TYR A 10 0.00 12.13 5.51
CA TYR A 10 0.23 11.35 6.74
C TYR A 10 -1.09 10.79 7.31
N PHE A 11 -1.77 9.98 6.48
CA PHE A 11 -3.21 9.74 6.62
C PHE A 11 -3.68 9.28 7.99
N PHE A 12 -3.23 8.11 8.45
CA PHE A 12 -3.71 7.64 9.77
C PHE A 12 -3.43 8.68 10.87
N ALA A 13 -2.24 9.32 10.85
CA ALA A 13 -1.94 10.32 11.88
C ALA A 13 -2.80 11.54 11.66
N GLN A 14 -2.99 11.95 10.41
CA GLN A 14 -3.84 13.14 10.17
C GLN A 14 -5.27 12.91 10.64
N VAL A 15 -5.76 11.69 10.53
CA VAL A 15 -7.11 11.38 11.04
C VAL A 15 -7.17 11.51 12.56
N GLU A 16 -6.17 10.97 13.25
CA GLU A 16 -6.13 11.08 14.71
C GLU A 16 -6.10 12.58 15.08
N GLU A 17 -5.46 13.42 14.27
CA GLU A 17 -5.51 14.88 14.52
C GLU A 17 -6.90 15.50 14.32
N VAL A 18 -7.63 15.07 13.30
CA VAL A 18 -8.97 15.60 13.08
C VAL A 18 -9.80 15.16 14.28
N LEU A 19 -9.57 13.94 14.75
CA LEU A 19 -10.35 13.44 15.90
C LEU A 19 -9.89 14.00 17.24
N ASN A 20 -8.62 14.37 17.35
CA ASN A 20 -8.08 15.04 18.55
C ASN A 20 -7.18 16.21 18.18
N PRO A 21 -7.75 17.38 17.99
CA PRO A 21 -6.99 18.58 17.61
C PRO A 21 -5.79 18.93 18.54
N GLN A 22 -5.78 18.47 19.79
CA GLN A 22 -4.62 18.71 20.67
C GLN A 22 -3.36 18.10 20.09
N TYR A 23 -3.53 17.00 19.36
CA TYR A 23 -2.39 16.35 18.77
C TYR A 23 -1.76 17.19 17.66
N LYS A 24 -2.54 18.11 17.08
CA LYS A 24 -2.01 18.85 15.94
C LYS A 24 -0.87 19.78 16.38
N GLY A 25 0.20 19.82 15.59
CA GLY A 25 1.28 20.76 15.87
C GLY A 25 2.48 20.11 16.54
N LYS A 26 2.22 18.93 17.12
CA LYS A 26 3.20 18.15 17.89
C LYS A 26 3.46 16.76 17.30
N PRO A 27 4.67 16.24 17.53
CA PRO A 27 5.03 14.88 17.14
C PRO A 27 3.93 13.88 17.43
N LEU A 28 3.41 13.15 16.44
CA LEU A 28 2.39 12.13 16.71
C LEU A 28 2.70 10.85 15.94
N VAL A 29 2.61 9.71 16.61
CA VAL A 29 2.99 8.44 16.03
C VAL A 29 1.87 7.42 16.18
N VAL A 30 1.40 6.87 15.06
CA VAL A 30 0.35 5.83 15.08
C VAL A 30 1.01 4.45 15.04
N CYS A 31 0.76 3.62 16.07
CA CYS A 31 1.58 2.42 16.24
C CYS A 31 0.77 1.14 16.18
N VAL A 32 1.38 0.08 15.66
CA VAL A 32 0.70 -1.21 15.67
C VAL A 32 1.25 -2.03 16.84
N TYR A 33 0.52 -2.04 17.97
CA TYR A 33 0.97 -2.80 19.12
C TYR A 33 0.65 -4.28 19.00
N SER A 34 1.72 -5.06 18.93
CA SER A 34 1.65 -6.49 18.81
C SER A 34 0.99 -7.19 19.99
N GLY A 35 1.04 -6.56 21.16
CA GLY A 35 0.46 -7.13 22.39
C GLY A 35 1.48 -7.83 23.27
N ARG A 36 2.53 -8.33 22.63
CA ARG A 36 3.58 -9.06 23.33
C ARG A 36 4.14 -8.31 24.56
N THR A 37 4.55 -7.05 24.37
CA THR A 37 4.83 -6.18 25.50
C THR A 37 4.14 -4.83 25.28
N LYS A 38 4.39 -3.87 26.16
CA LYS A 38 3.74 -2.58 26.02
C LYS A 38 4.35 -1.69 24.92
N THR A 39 5.48 -2.12 24.34
CA THR A 39 6.13 -1.36 23.27
C THR A 39 6.44 -2.20 21.98
N SER A 40 6.26 -3.52 22.07
CA SER A 40 6.42 -4.35 20.88
C SER A 40 5.45 -3.86 19.80
N GLY A 41 5.98 -3.58 18.61
CA GLY A 41 5.13 -3.11 17.56
C GLY A 41 5.89 -2.35 16.51
N ALA A 42 5.15 -1.86 15.53
CA ALA A 42 5.76 -1.11 14.45
C ALA A 42 4.99 0.16 14.25
N VAL A 43 5.68 1.16 13.71
CA VAL A 43 5.06 2.43 13.46
C VAL A 43 4.24 2.25 12.18
N ALA A 44 3.02 2.76 12.16
CA ALA A 44 2.25 2.69 10.93
C ALA A 44 2.46 3.99 10.18
N THR A 45 2.32 5.08 10.91
CA THR A 45 2.53 6.41 10.34
C THR A 45 2.86 7.44 11.45
N ALA A 46 3.64 8.44 11.05
CA ALA A 46 3.94 9.57 11.90
C ALA A 46 3.56 10.85 11.18
N ASN A 47 3.20 11.88 11.96
CA ASN A 47 2.91 13.14 11.32
C ASN A 47 4.23 13.77 11.04
N TYR A 48 4.23 14.90 10.36
CA TYR A 48 5.47 15.46 9.84
C TYR A 48 6.39 15.99 10.96
N GLU A 49 5.79 16.42 12.07
CA GLU A 49 6.58 16.83 13.23
C GLU A 49 7.40 15.65 13.71
N ALA A 50 6.81 14.46 13.74
CA ALA A 50 7.53 13.25 14.18
C ALA A 50 8.56 12.83 13.16
N ARG A 51 8.27 13.03 11.89
CA ARG A 51 9.24 12.68 10.88
C ARG A 51 10.49 13.57 11.02
N LYS A 52 10.33 14.81 11.50
CA LYS A 52 11.47 15.73 11.64
C LYS A 52 12.50 15.17 12.63
N LEU A 53 12.03 14.32 13.53
CA LEU A 53 12.87 13.68 14.54
C LEU A 53 13.39 12.30 14.13
N GLY A 54 13.06 11.86 12.92
CA GLY A 54 13.52 10.56 12.45
C GLY A 54 12.49 9.43 12.46
N VAL A 55 11.30 9.68 13.02
CA VAL A 55 10.30 8.61 13.02
C VAL A 55 9.88 8.21 11.59
N LYS A 56 9.82 6.92 11.31
CA LYS A 56 9.60 6.38 9.96
C LYS A 56 8.57 5.24 9.96
N ALA A 57 7.73 5.14 8.92
CA ALA A 57 6.80 4.01 8.87
C ALA A 57 7.60 2.72 8.81
N GLY A 58 7.11 1.71 9.51
CA GLY A 58 7.74 0.41 9.50
C GLY A 58 8.74 0.22 10.62
N MET A 59 9.12 1.31 11.30
CA MET A 59 10.21 1.20 12.28
C MET A 59 9.64 0.65 13.59
N PRO A 60 10.46 -0.13 14.33
CA PRO A 60 10.00 -0.68 15.60
C PRO A 60 9.68 0.45 16.57
N ILE A 61 8.66 0.28 17.39
CA ILE A 61 8.17 1.34 18.24
C ILE A 61 9.23 1.82 19.23
N ILE A 62 10.00 0.91 19.83
CA ILE A 62 11.04 1.32 20.77
C ILE A 62 12.13 2.10 20.10
N LYS A 63 12.35 1.83 18.82
CA LYS A 63 13.32 2.62 18.09
C LYS A 63 12.80 4.03 18.02
N ALA A 64 11.52 4.16 17.70
CA ALA A 64 10.93 5.46 17.51
C ALA A 64 10.99 6.20 18.83
N MET A 65 10.85 5.48 19.94
CA MET A 65 10.81 6.13 21.24
C MET A 65 12.21 6.57 21.73
N GLN A 66 13.29 5.97 21.22
CA GLN A 66 14.63 6.49 21.53
C GLN A 66 14.88 7.82 20.82
N ILE A 67 14.31 8.04 19.64
CA ILE A 67 14.64 9.26 18.92
C ILE A 67 13.60 10.35 19.11
N ALA A 68 12.39 9.95 19.50
CA ALA A 68 11.28 10.87 19.67
C ALA A 68 10.47 10.51 20.91
N PRO A 69 11.11 10.53 22.07
CA PRO A 69 10.58 10.10 23.37
C PRO A 69 9.44 10.98 23.83
N SER A 70 9.26 12.15 23.24
CA SER A 70 8.19 13.02 23.71
C SER A 70 7.00 13.11 22.74
N ALA A 71 7.10 12.38 21.62
CA ALA A 71 5.98 12.27 20.71
C ALA A 71 4.83 11.62 21.46
N ILE A 72 3.61 11.84 20.97
CA ILE A 72 2.42 11.09 21.39
C ILE A 72 2.32 9.77 20.61
N TYR A 73 2.27 8.66 21.32
CA TYR A 73 2.10 7.37 20.66
C TYR A 73 0.67 6.83 20.82
N VAL A 74 -0.04 6.68 19.70
CA VAL A 74 -1.41 6.16 19.77
C VAL A 74 -1.53 4.87 18.96
N PRO A 75 -2.32 3.92 19.49
CA PRO A 75 -2.63 2.66 18.81
C PRO A 75 -3.44 2.89 17.53
N MET A 76 -3.22 2.04 16.54
CA MET A 76 -3.93 2.19 15.30
C MET A 76 -5.41 1.89 15.47
N ARG A 77 -6.23 2.70 14.83
CA ARG A 77 -7.66 2.48 14.81
C ARG A 77 -8.12 2.35 13.35
N LYS A 78 -7.70 1.26 12.72
CA LYS A 78 -7.95 1.08 11.29
C LYS A 78 -9.43 1.24 10.85
N PRO A 79 -10.40 0.79 11.69
CA PRO A 79 -11.78 0.98 11.20
C PRO A 79 -12.15 2.44 11.02
N ILE A 80 -11.65 3.34 11.87
CA ILE A 80 -11.97 4.76 11.72
C ILE A 80 -11.30 5.33 10.48
N TYR A 81 -10.09 4.87 10.17
CA TYR A 81 -9.37 5.42 9.04
C TYR A 81 -10.04 4.90 7.77
N GLU A 82 -10.54 3.68 7.84
CA GLU A 82 -11.27 3.08 6.73
C GLU A 82 -12.54 3.87 6.40
N ALA A 83 -13.23 4.31 7.45
CA ALA A 83 -14.42 5.11 7.25
C ALA A 83 -14.08 6.41 6.55
N PHE A 84 -13.16 7.16 7.15
CA PHE A 84 -12.66 8.40 6.58
C PHE A 84 -12.35 8.26 5.11
N SER A 85 -11.66 7.19 4.78
CA SER A 85 -11.27 6.95 3.41
C SER A 85 -12.49 6.65 2.53
N ASN A 86 -13.38 5.77 3.01
CA ASN A 86 -14.60 5.48 2.25
C ASN A 86 -15.29 6.79 1.94
N ARG A 87 -15.46 7.63 2.96
CA ARG A 87 -16.15 8.88 2.73
C ARG A 87 -15.44 9.72 1.66
N ILE A 88 -14.12 9.78 1.71
CA ILE A 88 -13.40 10.61 0.77
C ILE A 88 -13.47 10.00 -0.65
N MET A 89 -13.27 8.69 -0.75
CA MET A 89 -13.39 8.06 -2.06
C MET A 89 -14.77 8.35 -2.66
N ASN A 90 -15.80 8.40 -1.82
CA ASN A 90 -17.12 8.79 -2.29
C ASN A 90 -17.15 10.20 -2.86
N LEU A 91 -16.41 11.11 -2.24
CA LEU A 91 -16.40 12.49 -2.71
C LEU A 91 -15.69 12.60 -4.04
N LEU A 92 -14.62 11.82 -4.19
CA LEU A 92 -13.85 11.85 -5.42
C LEU A 92 -14.73 11.29 -6.55
N ASN A 93 -15.50 10.26 -6.21
CA ASN A 93 -16.45 9.62 -7.11
C ASN A 93 -17.14 10.60 -8.06
N LYS A 94 -17.83 11.59 -7.50
CA LYS A 94 -18.68 12.49 -8.29
C LYS A 94 -17.88 13.36 -9.26
N HIS A 95 -16.55 13.32 -9.13
CA HIS A 95 -15.69 14.15 -9.97
C HIS A 95 -15.02 13.36 -11.08
N ALA A 96 -15.30 12.06 -11.11
CA ALA A 96 -14.54 11.15 -11.95
C ALA A 96 -15.41 10.36 -12.93
N ASP A 97 -14.97 10.32 -14.19
CA ASP A 97 -15.50 9.37 -15.18
C ASP A 97 -15.28 7.96 -14.66
N LYS A 98 -14.03 7.69 -14.27
CA LYS A 98 -13.67 6.45 -13.61
C LYS A 98 -12.76 6.74 -12.42
N ILE A 99 -12.92 5.96 -11.37
CA ILE A 99 -12.04 6.07 -10.23
C ILE A 99 -11.46 4.69 -9.91
N GLU A 100 -10.15 4.64 -9.72
CA GLU A 100 -9.46 3.43 -9.33
C GLU A 100 -8.95 3.63 -7.92
N VAL A 101 -9.64 3.06 -6.95
CA VAL A 101 -9.18 3.14 -5.59
C VAL A 101 -8.02 2.20 -5.43
N ALA A 102 -6.82 2.77 -5.26
CA ALA A 102 -5.59 1.98 -5.30
C ALA A 102 -5.25 1.42 -3.94
N SER A 103 -5.72 2.08 -2.89
CA SER A 103 -5.38 1.67 -1.54
C SER A 103 -6.18 2.50 -0.55
N ILE A 104 -5.89 2.34 0.73
CA ILE A 104 -6.77 2.96 1.70
C ILE A 104 -6.64 4.48 1.61
N ASP A 105 -5.56 4.97 1.02
CA ASP A 105 -5.35 6.42 1.06
C ASP A 105 -5.00 7.04 -0.29
N GLU A 106 -5.26 6.32 -1.37
CA GLU A 106 -5.00 6.90 -2.67
C GLU A 106 -5.90 6.36 -3.81
N ALA A 107 -6.15 7.21 -4.80
CA ALA A 107 -6.97 6.87 -5.92
C ALA A 107 -6.55 7.64 -7.17
N TYR A 108 -6.85 7.07 -8.34
CA TYR A 108 -6.73 7.76 -9.62
C TYR A 108 -8.11 8.04 -10.16
N LEU A 109 -8.26 9.22 -10.74
CA LEU A 109 -9.50 9.63 -11.35
C LEU A 109 -9.19 9.96 -12.77
N ASP A 110 -9.94 9.37 -13.69
CA ASP A 110 -9.88 9.76 -15.09
C ASP A 110 -10.90 10.90 -15.20
N VAL A 111 -10.43 12.10 -15.51
CA VAL A 111 -11.33 13.25 -15.59
C VAL A 111 -11.40 13.82 -16.99
N THR A 112 -10.82 13.09 -17.94
CA THR A 112 -10.82 13.45 -19.35
C THR A 112 -12.16 14.02 -19.84
N ASN A 113 -13.25 13.29 -19.57
CA ASN A 113 -14.56 13.71 -20.03
C ASN A 113 -15.14 14.82 -19.16
N LYS A 114 -14.91 14.74 -17.85
CA LYS A 114 -15.38 15.75 -16.90
C LYS A 114 -14.92 17.17 -17.27
N VAL A 115 -13.63 17.32 -17.57
CA VAL A 115 -13.04 18.63 -17.85
C VAL A 115 -13.18 19.01 -19.33
N GLU A 116 -14.11 18.35 -20.00
CA GLU A 116 -14.33 18.56 -21.44
C GLU A 116 -13.02 18.48 -22.22
N GLY A 117 -12.09 17.68 -21.72
CA GLY A 117 -10.86 17.39 -22.43
C GLY A 117 -9.74 18.36 -22.16
N ASN A 118 -10.06 19.52 -21.62
CA ASN A 118 -9.06 20.56 -21.42
C ASN A 118 -8.18 20.35 -20.19
N PHE A 119 -6.87 20.40 -20.39
CA PHE A 119 -5.94 20.06 -19.32
C PHE A 119 -6.04 21.04 -18.15
N GLU A 120 -6.12 22.33 -18.46
CA GLU A 120 -6.20 23.35 -17.42
C GLU A 120 -7.51 23.24 -16.63
N ASN A 121 -8.60 22.89 -17.32
CA ASN A 121 -9.87 22.59 -16.66
C ASN A 121 -9.67 21.57 -15.53
N GLY A 122 -8.96 20.49 -15.85
CA GLY A 122 -8.66 19.47 -14.88
C GLY A 122 -7.83 19.97 -13.71
N ILE A 123 -6.90 20.87 -13.98
CA ILE A 123 -6.07 21.43 -12.90
C ILE A 123 -6.98 22.16 -11.91
N GLU A 124 -7.84 23.04 -12.43
CA GLU A 124 -8.85 23.71 -11.62
C GLU A 124 -9.69 22.70 -10.82
N LEU A 125 -10.07 21.61 -11.46
CA LEU A 125 -10.83 20.56 -10.79
C LEU A 125 -10.04 19.94 -9.64
N ALA A 126 -8.79 19.61 -9.89
CA ALA A 126 -7.88 19.19 -8.83
C ALA A 126 -7.90 20.17 -7.66
N ARG A 127 -7.92 21.47 -7.95
CA ARG A 127 -7.96 22.47 -6.88
C ARG A 127 -9.26 22.39 -6.09
N LYS A 128 -10.38 22.36 -6.81
CA LYS A 128 -11.69 22.32 -6.20
C LYS A 128 -11.82 21.08 -5.31
N ILE A 129 -11.22 19.99 -5.76
CA ILE A 129 -11.20 18.74 -5.03
C ILE A 129 -10.44 18.84 -3.70
N LYS A 130 -9.26 19.46 -3.72
CA LYS A 130 -8.48 19.58 -2.51
C LYS A 130 -9.29 20.41 -1.53
N GLN A 131 -9.95 21.45 -2.03
CA GLN A 131 -10.75 22.31 -1.16
C GLN A 131 -11.95 21.56 -0.57
N GLU A 132 -12.61 20.75 -1.38
CA GLU A 132 -13.79 20.02 -0.91
C GLU A 132 -13.40 19.07 0.21
N ILE A 133 -12.29 18.37 0.06
CA ILE A 133 -11.88 17.37 1.04
C ILE A 133 -11.46 18.08 2.34
N LEU A 134 -10.82 19.24 2.22
CA LEU A 134 -10.41 20.01 3.40
C LEU A 134 -11.63 20.57 4.12
N GLU A 135 -12.57 21.11 3.35
CA GLU A 135 -13.79 21.68 3.90
C GLU A 135 -14.68 20.64 4.57
N LYS A 136 -14.95 19.56 3.84
CA LYS A 136 -15.88 18.54 4.30
C LYS A 136 -15.31 17.64 5.41
N GLU A 137 -14.06 17.22 5.22
CA GLU A 137 -13.46 16.22 6.10
C GLU A 137 -12.25 16.75 6.91
N LYS A 138 -11.89 18.01 6.69
CA LYS A 138 -10.73 18.57 7.38
C LYS A 138 -9.45 17.74 7.14
N ILE A 139 -9.40 17.04 6.02
CA ILE A 139 -8.22 16.26 5.63
C ILE A 139 -7.47 16.94 4.51
N THR A 140 -6.14 17.06 4.64
CA THR A 140 -5.37 17.62 3.53
C THR A 140 -4.78 16.50 2.72
N VAL A 141 -4.65 16.75 1.43
CA VAL A 141 -4.17 15.73 0.51
C VAL A 141 -3.22 16.31 -0.51
N THR A 142 -2.48 15.42 -1.17
CA THR A 142 -1.62 15.77 -2.28
C THR A 142 -2.22 15.20 -3.56
N VAL A 143 -2.18 15.97 -4.65
CA VAL A 143 -2.69 15.53 -5.94
C VAL A 143 -1.66 15.64 -7.05
N GLY A 144 -1.84 14.83 -8.08
CA GLY A 144 -1.03 14.92 -9.28
C GLY A 144 -1.94 14.98 -10.48
N VAL A 145 -1.57 15.74 -11.48
CA VAL A 145 -2.40 15.91 -12.66
C VAL A 145 -1.55 15.78 -13.93
N ALA A 146 -1.67 14.62 -14.57
CA ALA A 146 -0.85 14.30 -15.72
C ALA A 146 -1.67 13.46 -16.73
N PRO A 147 -1.14 13.28 -17.95
CA PRO A 147 -1.83 12.55 -19.01
C PRO A 147 -2.05 11.06 -18.70
N ASN A 148 -1.25 10.47 -17.82
CA ASN A 148 -1.49 9.08 -17.42
C ASN A 148 -1.36 8.86 -15.91
N LYS A 149 -1.53 7.60 -15.51
CA LYS A 149 -1.59 7.24 -14.11
C LYS A 149 -0.23 7.30 -13.45
N ILE A 150 0.77 6.73 -14.11
CA ILE A 150 2.07 6.62 -13.51
C ILE A 150 2.66 8.01 -13.27
N LEU A 151 2.47 8.90 -14.25
CA LEU A 151 3.00 10.26 -14.16
C LEU A 151 2.33 11.07 -13.05
N ALA A 152 1.01 10.97 -12.95
CA ALA A 152 0.27 11.66 -11.90
C ALA A 152 0.78 11.25 -10.53
N LYS A 153 1.15 9.99 -10.39
CA LYS A 153 1.67 9.49 -9.12
C LYS A 153 3.06 10.05 -8.84
N ILE A 154 3.86 10.22 -9.88
CA ILE A 154 5.24 10.68 -9.70
C ILE A 154 5.26 12.14 -9.27
N ILE A 155 4.52 13.00 -9.95
CA ILE A 155 4.53 14.41 -9.62
C ILE A 155 3.80 14.68 -8.31
N ALA A 156 2.85 13.83 -7.96
CA ALA A 156 2.20 13.98 -6.66
C ALA A 156 3.23 13.72 -5.56
N ASP A 157 3.97 12.63 -5.70
CA ASP A 157 5.00 12.25 -4.75
C ASP A 157 6.05 13.37 -4.57
N LYS A 158 6.46 14.01 -5.67
CA LYS A 158 7.40 15.12 -5.62
C LYS A 158 6.79 16.38 -5.01
N SER A 159 5.48 16.35 -4.75
CA SER A 159 4.79 17.56 -4.31
C SER A 159 4.25 17.48 -2.89
N LYS A 160 4.27 16.28 -2.29
CA LYS A 160 3.91 16.12 -0.89
C LYS A 160 4.74 17.06 -0.02
N PRO A 161 4.17 17.54 1.11
CA PRO A 161 2.78 17.34 1.51
C PRO A 161 1.91 18.50 1.05
N ASN A 162 0.60 18.34 1.18
CA ASN A 162 -0.41 19.31 0.71
C ASN A 162 -0.14 19.86 -0.69
N GLY A 163 0.42 19.03 -1.57
CA GLY A 163 0.78 19.50 -2.89
C GLY A 163 -0.32 19.44 -3.96
N LEU A 164 -0.05 20.16 -5.04
CA LEU A 164 -0.82 20.11 -6.27
C LEU A 164 0.19 20.08 -7.42
N GLY A 165 0.73 18.89 -7.70
CA GLY A 165 1.70 18.72 -8.77
C GLY A 165 1.08 18.54 -10.15
N VAL A 166 1.82 18.94 -11.18
CA VAL A 166 1.27 18.99 -12.53
C VAL A 166 2.34 18.77 -13.62
N ILE A 167 2.02 17.90 -14.56
CA ILE A 167 2.85 17.68 -15.74
C ILE A 167 1.96 17.81 -16.96
N ARG A 168 2.15 18.88 -17.73
CA ARG A 168 1.40 19.05 -18.96
C ARG A 168 2.07 18.28 -20.08
N PRO A 169 1.25 17.79 -21.05
CA PRO A 169 1.73 17.10 -22.26
C PRO A 169 3.03 17.70 -22.79
N THR A 170 3.02 19.02 -23.00
CA THR A 170 4.20 19.78 -23.40
C THR A 170 5.48 19.29 -22.72
N GLU A 171 5.45 19.34 -21.39
CA GLU A 171 6.61 19.03 -20.58
C GLU A 171 6.73 17.53 -20.24
N VAL A 172 5.89 16.70 -20.84
CA VAL A 172 5.96 15.26 -20.56
C VAL A 172 7.26 14.66 -21.09
N GLN A 173 7.59 14.97 -22.35
CA GLN A 173 8.78 14.39 -22.95
C GLN A 173 10.02 14.85 -22.21
N ASP A 174 10.00 16.11 -21.75
CA ASP A 174 11.12 16.64 -20.99
C ASP A 174 11.26 15.94 -19.66
N PHE A 175 10.18 15.93 -18.90
CA PHE A 175 10.14 15.33 -17.57
C PHE A 175 10.57 13.86 -17.59
N LEU A 176 10.10 13.13 -18.59
CA LEU A 176 10.48 11.73 -18.77
C LEU A 176 11.99 11.59 -18.91
N ASN A 177 12.62 12.52 -19.63
CA ASN A 177 14.07 12.52 -19.74
C ASN A 177 14.72 12.80 -18.41
N GLU A 178 14.45 13.98 -17.85
CA GLU A 178 15.04 14.44 -16.60
C GLU A 178 14.68 13.52 -15.44
N LEU A 179 13.73 12.61 -15.70
CA LEU A 179 13.28 11.64 -14.72
C LEU A 179 14.37 10.64 -14.35
N ASP A 180 14.74 10.63 -13.07
CA ASP A 180 15.67 9.64 -12.53
C ASP A 180 15.01 8.26 -12.64
N ILE A 181 15.74 7.20 -12.29
CA ILE A 181 15.18 5.86 -12.44
C ILE A 181 14.42 5.42 -11.19
N ASP A 182 14.96 5.75 -10.02
CA ASP A 182 14.38 5.32 -8.74
C ASP A 182 13.07 6.04 -8.44
N GLU A 183 12.83 7.15 -9.14
CA GLU A 183 11.61 7.92 -9.00
C GLU A 183 10.43 7.22 -9.67
N ILE A 184 10.69 6.05 -10.26
CA ILE A 184 9.67 5.32 -10.99
C ILE A 184 8.94 4.35 -10.07
N PRO A 185 7.62 4.26 -10.22
CA PRO A 185 6.78 3.33 -9.48
C PRO A 185 6.91 1.91 -10.02
N GLY A 186 6.91 0.91 -9.14
CA GLY A 186 6.91 -0.47 -9.60
C GLY A 186 8.30 -1.04 -9.80
N ILE A 187 9.29 -0.40 -9.18
CA ILE A 187 10.67 -0.84 -9.30
C ILE A 187 11.35 -0.85 -7.92
N GLY A 188 11.52 -2.05 -7.37
CA GLY A 188 12.06 -2.22 -6.02
C GLY A 188 13.42 -1.60 -5.84
N SER A 189 13.80 -1.35 -4.60
CA SER A 189 15.12 -0.80 -4.31
C SER A 189 16.24 -1.81 -4.56
N VAL A 190 15.85 -3.07 -4.76
CA VAL A 190 16.75 -4.11 -5.24
C VAL A 190 16.91 -4.01 -6.75
N LEU A 191 15.78 -3.98 -7.47
CA LEU A 191 15.80 -3.76 -8.91
C LEU A 191 16.58 -2.48 -9.22
N ALA A 192 16.43 -1.50 -8.33
CA ALA A 192 17.14 -0.24 -8.42
C ALA A 192 18.63 -0.49 -8.47
N ARG A 193 19.17 -0.97 -7.35
CA ARG A 193 20.59 -1.26 -7.20
C ARG A 193 21.18 -2.04 -8.38
N ARG A 194 20.65 -3.24 -8.66
CA ARG A 194 21.23 -4.12 -9.68
C ARG A 194 21.08 -3.54 -11.09
N LEU A 195 20.20 -2.56 -11.23
CA LEU A 195 20.14 -1.74 -12.44
C LEU A 195 21.02 -0.51 -12.26
N ASN A 196 20.96 0.07 -11.06
CA ASN A 196 21.62 1.32 -10.71
C ASN A 196 23.07 1.42 -11.17
N GLU A 197 23.91 0.60 -10.59
CA GLU A 197 25.32 0.60 -10.97
C GLU A 197 25.46 0.11 -12.40
N LEU A 198 24.77 -0.99 -12.72
CA LEU A 198 25.03 -1.74 -13.95
C LEU A 198 24.53 -1.05 -15.22
N GLY A 199 24.91 0.22 -15.40
CA GLY A 199 24.63 0.92 -16.63
C GLY A 199 23.56 1.99 -16.49
N ILE A 200 22.36 1.56 -16.08
CA ILE A 200 21.19 2.44 -16.04
C ILE A 200 20.98 3.10 -14.67
N GLN A 201 20.82 4.42 -14.68
CA GLN A 201 20.51 5.18 -13.48
C GLN A 201 19.51 6.31 -13.79
N LYS A 202 19.22 6.51 -15.08
CA LYS A 202 18.19 7.45 -15.53
C LYS A 202 17.19 6.75 -16.42
N LEU A 203 16.11 7.43 -16.77
CA LEU A 203 14.99 6.78 -17.44
C LEU A 203 15.19 6.69 -18.95
N ARG A 204 15.91 7.65 -19.51
CA ARG A 204 16.17 7.65 -20.94
C ARG A 204 17.28 6.64 -21.27
N ASP A 205 17.80 6.00 -20.23
CA ASP A 205 18.96 5.14 -20.37
C ASP A 205 18.59 3.76 -20.90
N ILE A 206 17.44 3.25 -20.47
CA ILE A 206 16.93 1.99 -21.02
C ILE A 206 16.78 2.10 -22.53
N LEU A 207 16.40 3.28 -23.00
CA LEU A 207 16.32 3.58 -24.43
C LEU A 207 17.58 3.16 -25.20
N SER A 208 18.76 3.58 -24.72
CA SER A 208 20.02 3.35 -25.42
C SER A 208 20.51 1.91 -25.28
N LYS A 209 20.26 1.31 -24.12
CA LYS A 209 20.51 -0.12 -23.90
C LYS A 209 19.51 -0.95 -24.71
N ASN A 210 19.70 -2.28 -24.72
CA ASN A 210 18.81 -3.14 -25.48
C ASN A 210 18.13 -4.24 -24.67
N TYR A 211 16.91 -4.57 -25.09
CA TYR A 211 15.96 -5.40 -24.34
C TYR A 211 16.54 -6.68 -23.75
N ASN A 212 17.54 -7.24 -24.42
CA ASN A 212 18.18 -8.47 -23.95
C ASN A 212 18.79 -8.30 -22.57
N GLU A 213 19.71 -7.34 -22.47
CA GLU A 213 20.42 -7.11 -21.22
C GLU A 213 19.53 -6.48 -20.16
N LEU A 214 18.23 -6.46 -20.40
CA LEU A 214 17.30 -5.86 -19.46
C LEU A 214 16.19 -6.85 -19.10
N GLU A 215 15.81 -7.70 -20.05
CA GLU A 215 14.81 -8.71 -19.81
C GLU A 215 15.30 -9.74 -18.79
N LYS A 216 16.56 -9.61 -18.37
CA LYS A 216 17.17 -10.50 -17.39
C LYS A 216 17.60 -9.78 -16.11
N ILE A 217 17.39 -8.47 -16.06
CA ILE A 217 17.72 -7.68 -14.86
C ILE A 217 16.46 -7.32 -14.09
N THR A 218 15.31 -7.55 -14.71
CA THR A 218 14.06 -7.06 -14.17
C THR A 218 12.84 -7.83 -14.67
N GLY A 219 13.05 -8.68 -15.68
CA GLY A 219 11.98 -9.48 -16.24
C GLY A 219 11.37 -8.79 -17.44
N LYS A 220 10.60 -9.53 -18.23
CA LYS A 220 10.01 -8.99 -19.44
C LYS A 220 9.00 -7.88 -19.13
N ALA A 221 8.21 -8.09 -18.08
CA ALA A 221 7.14 -7.17 -17.70
C ALA A 221 7.66 -5.78 -17.36
N LYS A 222 8.56 -5.70 -16.40
CA LYS A 222 9.14 -4.43 -16.01
C LYS A 222 9.97 -3.84 -17.16
N ALA A 223 10.68 -4.71 -17.90
CA ALA A 223 11.50 -4.26 -19.02
C ALA A 223 10.65 -3.53 -20.06
N LEU A 224 9.53 -4.14 -20.46
CA LEU A 224 8.65 -3.53 -21.44
C LEU A 224 7.97 -2.29 -20.87
N TYR A 225 7.72 -2.33 -19.56
CA TYR A 225 7.07 -1.22 -18.88
C TYR A 225 7.97 0.02 -18.89
N LEU A 226 9.24 -0.16 -18.54
CA LEU A 226 10.22 0.93 -18.58
C LEU A 226 10.41 1.43 -20.00
N LEU A 227 10.52 0.49 -20.92
CA LEU A 227 10.67 0.79 -22.34
C LEU A 227 9.55 1.73 -22.82
N LYS A 228 8.31 1.39 -22.47
CA LYS A 228 7.16 2.19 -22.89
C LYS A 228 7.18 3.57 -22.24
N LEU A 229 7.46 3.61 -20.94
CA LEU A 229 7.58 4.88 -20.24
C LEU A 229 8.57 5.79 -20.92
N ALA A 230 9.78 5.25 -21.14
CA ALA A 230 10.92 6.02 -21.64
C ALA A 230 10.60 6.74 -22.94
N GLN A 231 9.77 6.10 -23.75
CA GLN A 231 9.35 6.67 -25.03
C GLN A 231 7.93 7.20 -24.95
N ASN A 232 7.49 7.57 -23.75
CA ASN A 232 6.20 8.22 -23.55
C ASN A 232 5.03 7.50 -24.22
N LYS A 233 5.14 6.18 -24.35
CA LYS A 233 4.05 5.42 -24.96
C LYS A 233 3.46 4.43 -23.97
N TYR A 234 3.41 4.83 -22.69
CA TYR A 234 2.65 4.12 -21.68
C TYR A 234 1.31 4.83 -21.48
N SER A 235 0.22 4.08 -21.41
CA SER A 235 -1.08 4.66 -21.09
C SER A 235 -2.09 3.61 -20.62
N GLU A 236 -1.94 3.16 -19.38
CA GLU A 236 -2.91 2.26 -18.77
C GLU A 236 -4.15 3.01 -18.32
N PRO A 237 -5.33 2.42 -18.56
CA PRO A 237 -6.64 2.96 -18.22
C PRO A 237 -6.88 2.95 -16.72
N VAL A 238 -7.68 3.91 -16.25
CA VAL A 238 -8.13 3.89 -14.87
C VAL A 238 -9.25 2.86 -14.74
N GLU A 239 -8.98 1.81 -13.95
CA GLU A 239 -9.92 0.71 -13.76
C GLU A 239 -9.98 0.29 -12.29
N ASN A 240 -11.11 0.48 -11.63
CA ASN A 240 -11.21 0.01 -10.25
C ASN A 240 -11.21 -1.51 -10.20
N LYS A 241 -10.35 -2.09 -9.38
CA LYS A 241 -10.32 -3.54 -9.25
C LYS A 241 -10.86 -3.96 -7.90
N SER A 242 -11.64 -5.02 -7.89
CA SER A 242 -12.14 -5.60 -6.65
C SER A 242 -11.00 -6.28 -5.88
N ARG A 243 -11.14 -6.32 -4.56
CA ARG A 243 -10.16 -7.01 -3.72
C ARG A 243 -10.17 -8.52 -4.02
N LYS A 244 -8.99 -9.15 -4.07
CA LYS A 244 -8.91 -10.57 -4.39
C LYS A 244 -8.64 -11.45 -3.17
N SER A 245 -8.20 -10.86 -2.08
CA SER A 245 -7.80 -11.69 -0.94
C SER A 245 -8.17 -11.03 0.36
N HIS A 246 -8.22 -11.81 1.42
CA HIS A 246 -8.62 -11.31 2.71
C HIS A 246 -7.86 -12.11 3.73
N GLY A 247 -7.08 -11.40 4.55
CA GLY A 247 -6.17 -12.05 5.47
C GLY A 247 -6.39 -11.58 6.87
N ARG A 248 -5.84 -12.33 7.79
CA ARG A 248 -5.80 -11.91 9.17
C ARG A 248 -4.47 -12.35 9.77
N TYR A 249 -3.80 -11.46 10.50
CA TYR A 249 -2.53 -11.82 11.15
C TYR A 249 -2.55 -11.49 12.63
N LEU A 250 -2.02 -12.41 13.44
CA LEU A 250 -1.95 -12.23 14.88
C LEU A 250 -0.54 -12.53 15.34
N THR A 251 -0.07 -11.79 16.35
CA THR A 251 1.18 -12.13 17.01
C THR A 251 0.86 -13.12 18.15
N LEU A 252 1.63 -14.20 18.20
CA LEU A 252 1.49 -15.18 19.28
C LEU A 252 1.88 -14.54 20.62
N PRO A 253 1.23 -14.96 21.71
CA PRO A 253 1.56 -14.42 23.03
C PRO A 253 3.03 -14.61 23.35
N TYR A 254 3.61 -15.66 22.76
CA TYR A 254 5.03 -15.99 22.90
C TYR A 254 5.42 -16.92 21.75
N ASN A 255 6.71 -16.96 21.46
CA ASN A 255 7.21 -17.73 20.34
C ASN A 255 7.09 -19.22 20.56
N THR A 256 6.61 -19.96 19.57
CA THR A 256 6.40 -21.39 19.76
C THR A 256 6.41 -22.18 18.47
N ARG A 257 6.77 -23.45 18.56
CA ARG A 257 6.63 -24.41 17.46
C ARG A 257 5.47 -25.37 17.71
N ASP A 258 4.71 -25.12 18.76
CA ASP A 258 3.69 -26.06 19.22
C ASP A 258 2.36 -25.76 18.54
N VAL A 259 1.96 -26.61 17.60
CA VAL A 259 0.70 -26.42 16.87
C VAL A 259 -0.50 -26.33 17.82
N LYS A 260 -0.50 -27.12 18.89
CA LYS A 260 -1.59 -27.10 19.87
C LYS A 260 -1.70 -25.72 20.50
N VAL A 261 -0.58 -25.03 20.59
CA VAL A 261 -0.55 -23.68 21.14
C VAL A 261 -1.03 -22.70 20.08
N ILE A 262 -0.50 -22.86 18.88
CA ILE A 262 -0.82 -21.94 17.79
C ILE A 262 -2.29 -22.03 17.30
N LEU A 263 -2.86 -23.23 17.36
CA LEU A 263 -4.11 -23.53 16.65
C LEU A 263 -5.24 -22.52 16.98
N PRO A 264 -5.53 -22.30 18.27
CA PRO A 264 -6.60 -21.35 18.66
C PRO A 264 -6.46 -19.98 18.02
N TYR A 265 -5.23 -19.58 17.74
CA TYR A 265 -4.99 -18.26 17.17
C TYR A 265 -5.22 -18.29 15.68
N LEU A 266 -4.71 -19.36 15.07
CA LEU A 266 -4.95 -19.64 13.66
C LEU A 266 -6.46 -19.73 13.39
N LYS A 267 -7.19 -20.38 14.28
CA LYS A 267 -8.64 -20.46 14.12
C LYS A 267 -9.23 -19.08 14.20
N LYS A 268 -8.76 -18.29 15.18
CA LYS A 268 -9.27 -16.93 15.36
C LYS A 268 -8.99 -16.09 14.10
N ALA A 269 -7.81 -16.24 13.52
CA ALA A 269 -7.48 -15.54 12.30
C ALA A 269 -8.39 -15.99 11.13
N ILE A 270 -8.70 -17.29 11.11
CA ILE A 270 -9.52 -17.82 10.02
C ILE A 270 -10.91 -17.24 10.12
N ASN A 271 -11.45 -17.27 11.33
CA ASN A 271 -12.75 -16.68 11.61
C ASN A 271 -12.82 -15.23 11.20
N GLU A 272 -11.77 -14.47 11.41
CA GLU A 272 -11.86 -13.05 11.14
C GLU A 272 -11.56 -12.76 9.67
N ALA A 273 -10.69 -13.56 9.07
CA ALA A 273 -10.51 -13.49 7.63
C ALA A 273 -11.87 -13.75 6.97
N TYR A 274 -12.51 -14.86 7.35
CA TYR A 274 -13.74 -15.27 6.68
C TYR A 274 -14.79 -14.19 6.74
N ASN A 275 -14.82 -13.43 7.85
CA ASN A 275 -15.91 -12.49 8.04
C ASN A 275 -15.73 -11.29 7.15
N LYS A 276 -14.59 -11.26 6.44
CA LYS A 276 -14.30 -10.19 5.50
C LYS A 276 -14.56 -10.61 4.06
N VAL A 277 -14.66 -11.91 3.81
CA VAL A 277 -14.88 -12.41 2.46
C VAL A 277 -16.34 -12.27 2.03
N ASN A 278 -16.60 -11.52 0.96
CA ASN A 278 -17.91 -11.51 0.34
C ASN A 278 -18.11 -12.76 -0.54
N GLY A 279 -17.86 -13.93 0.03
CA GLY A 279 -17.98 -15.15 -0.72
C GLY A 279 -17.35 -16.38 -0.06
N ILE A 280 -16.91 -17.29 -0.92
CA ILE A 280 -16.33 -18.57 -0.52
C ILE A 280 -14.94 -18.64 -1.15
N PRO A 281 -13.90 -18.74 -0.34
CA PRO A 281 -12.61 -18.79 -1.01
C PRO A 281 -12.34 -20.18 -1.55
N MET A 282 -11.61 -20.28 -2.66
CA MET A 282 -11.21 -21.61 -3.13
C MET A 282 -9.78 -21.91 -2.72
N ARG A 283 -9.09 -20.90 -2.20
CA ARG A 283 -7.72 -21.10 -1.74
C ARG A 283 -7.48 -20.51 -0.37
N ILE A 284 -6.92 -21.34 0.49
CA ILE A 284 -6.48 -20.90 1.78
C ILE A 284 -4.97 -21.06 1.91
N THR A 285 -4.31 -19.98 2.34
CA THR A 285 -2.86 -20.01 2.56
C THR A 285 -2.57 -19.77 4.04
N VAL A 286 -1.62 -20.50 4.61
CA VAL A 286 -1.18 -20.19 5.97
C VAL A 286 0.20 -19.56 5.92
N ILE A 287 0.39 -18.55 6.75
CA ILE A 287 1.57 -17.71 6.75
C ILE A 287 2.18 -17.67 8.15
N ALA A 288 3.41 -18.14 8.28
CA ALA A 288 4.07 -18.16 9.56
C ALA A 288 5.24 -17.18 9.54
N ILE A 289 5.24 -16.24 10.48
CA ILE A 289 6.37 -15.33 10.65
C ILE A 289 7.24 -15.88 11.77
N MET A 290 8.41 -16.37 11.39
CA MET A 290 9.30 -17.05 12.32
C MET A 290 10.01 -16.09 13.27
N GLU A 291 10.76 -16.65 14.23
CA GLU A 291 11.50 -15.88 15.23
C GLU A 291 12.24 -14.67 14.70
N ASP A 292 12.92 -14.87 13.56
CA ASP A 292 13.75 -13.85 12.91
C ASP A 292 12.98 -12.99 11.89
N LEU A 293 11.66 -13.06 11.95
CA LEU A 293 10.80 -12.30 11.05
C LEU A 293 10.85 -12.82 9.60
N ASP A 294 11.42 -14.01 9.42
CA ASP A 294 11.36 -14.65 8.10
C ASP A 294 9.94 -15.19 7.86
N ILE A 295 9.53 -15.21 6.59
CA ILE A 295 8.15 -15.50 6.23
C ILE A 295 7.98 -16.81 5.44
N LEU A 296 7.21 -17.74 6.01
CA LEU A 296 6.91 -19.00 5.34
C LEU A 296 5.42 -19.07 5.05
N SER A 297 5.06 -19.57 3.87
CA SER A 297 3.66 -19.84 3.60
C SER A 297 3.45 -21.20 2.97
N LYS A 298 2.34 -21.83 3.29
CA LYS A 298 1.88 -22.96 2.51
C LYS A 298 0.41 -22.75 2.22
N GLY A 299 0.04 -22.96 0.96
CA GLY A 299 -1.33 -22.76 0.57
C GLY A 299 -1.90 -23.96 -0.17
N LYS A 300 -3.22 -24.02 -0.25
CA LYS A 300 -3.86 -25.06 -1.04
C LYS A 300 -5.11 -24.51 -1.69
N LYS A 301 -5.19 -24.71 -3.00
CA LYS A 301 -6.38 -24.28 -3.75
C LYS A 301 -7.19 -25.49 -4.18
N PHE A 302 -8.50 -25.46 -3.94
CA PHE A 302 -9.35 -26.57 -4.33
C PHE A 302 -10.10 -26.29 -5.59
N LYS A 303 -10.79 -27.32 -6.09
CA LYS A 303 -11.65 -27.20 -7.26
C LYS A 303 -13.02 -26.66 -6.88
N HIS A 304 -13.24 -26.48 -5.58
CA HIS A 304 -14.50 -25.98 -5.04
C HIS A 304 -14.22 -25.02 -3.87
N GLY A 305 -15.26 -24.31 -3.43
CA GLY A 305 -15.12 -23.38 -2.34
C GLY A 305 -14.93 -24.12 -1.02
N ILE A 306 -14.37 -23.40 -0.04
CA ILE A 306 -13.97 -23.95 1.25
C ILE A 306 -14.85 -23.37 2.36
N SER A 307 -15.60 -24.20 3.06
CA SER A 307 -16.40 -23.67 4.17
C SER A 307 -15.49 -23.35 5.35
N ILE A 308 -15.95 -22.47 6.23
CA ILE A 308 -15.13 -22.04 7.35
C ILE A 308 -14.69 -23.25 8.18
N ASP A 309 -15.64 -24.13 8.50
CA ASP A 309 -15.33 -25.33 9.29
C ASP A 309 -14.26 -26.16 8.59
N ASN A 310 -14.30 -26.12 7.27
CA ASN A 310 -13.36 -26.88 6.48
C ASN A 310 -11.99 -26.23 6.52
N ALA A 311 -12.01 -24.90 6.39
CA ALA A 311 -10.80 -24.07 6.49
C ALA A 311 -9.98 -24.38 7.74
N TYR A 312 -10.64 -24.59 8.89
CA TYR A 312 -9.93 -24.93 10.12
C TYR A 312 -9.07 -26.15 9.96
N LYS A 313 -9.65 -27.19 9.36
CA LYS A 313 -8.96 -28.47 9.20
C LYS A 313 -7.84 -28.34 8.19
N VAL A 314 -8.13 -27.74 7.04
CA VAL A 314 -7.11 -27.51 6.03
C VAL A 314 -5.95 -26.65 6.59
N ALA A 315 -6.29 -25.59 7.30
CA ALA A 315 -5.30 -24.67 7.83
C ALA A 315 -4.38 -25.36 8.83
N GLU A 316 -4.96 -26.10 9.77
CA GLU A 316 -4.17 -26.90 10.70
C GLU A 316 -3.27 -27.87 9.97
N ASP A 317 -3.78 -28.47 8.89
CA ASP A 317 -2.95 -29.33 8.06
C ASP A 317 -1.77 -28.57 7.46
N LEU A 318 -2.04 -27.40 6.88
CA LEU A 318 -0.98 -26.62 6.24
C LEU A 318 0.09 -26.13 7.24
N LEU A 319 -0.34 -25.64 8.40
CA LEU A 319 0.58 -25.19 9.42
C LEU A 319 1.49 -26.32 9.89
N ARG A 320 0.88 -27.47 10.11
CA ARG A 320 1.57 -28.66 10.58
C ARG A 320 2.66 -29.07 9.58
N GLU A 321 2.35 -28.86 8.30
CA GLU A 321 3.28 -29.16 7.22
C GLU A 321 4.39 -28.10 7.15
N LEU A 322 4.03 -26.84 7.38
CA LEU A 322 5.02 -25.75 7.45
C LEU A 322 6.10 -26.11 8.44
N LEU A 323 5.68 -26.49 9.65
CA LEU A 323 6.61 -26.81 10.73
C LEU A 323 7.44 -28.03 10.41
N VAL A 324 6.95 -28.90 9.53
CA VAL A 324 7.78 -29.97 9.02
C VAL A 324 8.90 -29.36 8.17
N ARG A 325 8.53 -28.43 7.29
CA ARG A 325 9.53 -27.74 6.46
C ARG A 325 10.62 -27.04 7.29
N ASP A 326 10.24 -26.28 8.32
CA ASP A 326 11.24 -25.52 9.05
C ASP A 326 12.02 -26.33 10.08
N LYS A 327 11.31 -26.94 11.02
CA LYS A 327 11.93 -27.91 11.93
C LYS A 327 12.67 -27.33 13.13
N ARG A 328 13.11 -26.08 13.07
CA ARG A 328 13.87 -25.56 14.20
C ARG A 328 13.42 -24.20 14.73
N ARG A 329 12.90 -23.33 13.87
CA ARG A 329 12.53 -22.00 14.34
C ARG A 329 11.15 -22.01 14.95
N ASN A 330 11.00 -21.29 16.05
CA ASN A 330 9.69 -21.02 16.63
C ASN A 330 8.91 -20.07 15.74
N VAL A 331 7.59 -20.05 15.90
CA VAL A 331 6.80 -19.08 15.20
C VAL A 331 6.59 -17.85 16.06
N ARG A 332 6.50 -16.68 15.44
CA ARG A 332 6.23 -15.42 16.14
C ARG A 332 4.83 -14.86 15.83
N ARG A 333 4.55 -14.64 14.56
CA ARG A 333 3.23 -14.20 14.14
C ARG A 333 2.58 -15.24 13.21
N ILE A 334 1.28 -15.37 13.31
CA ILE A 334 0.65 -16.29 12.41
C ILE A 334 -0.42 -15.61 11.60
N GLY A 335 -0.59 -16.06 10.37
CA GLY A 335 -1.54 -15.44 9.47
C GLY A 335 -2.21 -16.41 8.52
N VAL A 336 -3.35 -15.98 7.98
CA VAL A 336 -4.06 -16.78 6.99
C VAL A 336 -4.50 -15.84 5.87
N LYS A 337 -4.48 -16.36 4.65
CA LYS A 337 -4.95 -15.59 3.49
C LYS A 337 -6.02 -16.39 2.71
N LEU A 338 -7.15 -15.76 2.44
CA LEU A 338 -8.27 -16.40 1.75
C LEU A 338 -8.42 -15.72 0.41
N ASP A 339 -8.29 -16.46 -0.70
CA ASP A 339 -8.52 -15.84 -2.01
C ASP A 339 -9.08 -16.82 -3.04
N ASN A 340 -9.04 -16.43 -4.31
CA ASN A 340 -9.71 -17.20 -5.36
C ASN A 340 -11.16 -17.37 -4.91
N ILE A 341 -11.81 -16.25 -4.69
CA ILE A 341 -13.10 -16.18 -4.05
C ILE A 341 -14.18 -16.39 -5.06
N ILE A 342 -15.12 -17.28 -4.72
CA ILE A 342 -16.38 -17.41 -5.45
C ILE A 342 -17.28 -16.30 -4.92
N ILE A 343 -17.42 -15.24 -5.72
CA ILE A 343 -18.13 -14.06 -5.27
C ILE A 343 -19.63 -14.33 -5.22
N ASN A 344 -20.29 -13.79 -4.20
CA ASN A 344 -21.73 -13.92 -4.07
C ASN A 344 -22.49 -13.23 -5.19
CA CA D . -0.23 6.59 -0.47
CA CA E . -0.44 9.37 1.88
N1 DCP F . 0.90 2.19 6.19
C2 DCP F . 1.16 1.20 7.06
N3 DCP F . 2.36 0.62 7.19
C4 DCP F . 3.37 1.04 6.43
C5 DCP F . 3.18 2.05 5.52
C6 DCP F . 1.90 2.65 5.41
O2 DCP F . 0.17 0.75 7.84
N4 DCP F . 4.63 0.37 6.59
C1' DCP F . -0.47 2.77 6.15
C2' DCP F . -0.46 3.94 7.04
C3' DCP F . -0.26 5.08 6.13
C4' DCP F . -1.05 4.70 5.01
O4' DCP F . -0.86 3.26 4.91
O3' DCP F . -0.71 6.25 6.73
C5' DCP F . -0.66 5.42 3.80
O5' DCP F . 0.67 5.22 3.38
PA DCP F . 1.49 6.41 2.79
O1A DCP F . 2.67 5.91 2.03
O2A DCP F . 0.73 7.26 1.80
O3A DCP F . 2.07 7.30 3.94
PB DCP F . 1.36 8.49 4.64
O1B DCP F . 1.06 8.08 6.05
O2B DCP F . -0.05 8.78 4.20
O3B DCP F . 2.28 9.75 4.53
PG DCP F . 2.51 10.55 3.21
O1G DCP F . 2.14 11.98 3.49
O2G DCP F . 3.96 10.60 2.82
O3G DCP F . 1.71 9.95 2.01
#